data_4PZR
#
_entry.id   4PZR
#
_cell.length_a   63.596
_cell.length_b   63.596
_cell.length_c   104.539
_cell.angle_alpha   90.00
_cell.angle_beta   90.00
_cell.angle_gamma   90.00
#
_symmetry.space_group_name_H-M   'P 43'
#
loop_
_entity.id
_entity.type
_entity.pdbx_description
1 polymer 'Histone acetyltransferase p300'
2 non-polymer DI(HYDROXYETHYL)ETHER
3 non-polymer 'DIMETHYL SULFOXIDE'
4 non-polymer 'COENZYME A'
5 water water
#
_entity_poly.entity_id   1
_entity_poly.type   'polypeptide(L)'
_entity_poly.pdbx_seq_one_letter_code
;KFSAKRLPSTRLGTFLENRVNDFLRRQNHPESGEVTVRVVHASDKTVEVKPGMKARFVDSGEMAESFPYRTKALFAFEEI
DGVDLCFFGMHVQEYGSDCPPPNQRRVYISYLDSVHFFRPKCLRTAVYHEILIGYLEYVKKLGYTTGHIWACPPSEGDDY
IFHCHPPDQKIPKPKRLQEWFKKMLDKAVSERIVHDYKDIFKQATEDRLTSAKELPYFEGDFWPNVLEESIKELEQEEEE
RKREENTSNESTDVTKGDSKNAKKKNNKKTSKNKSSLSRGNKKKPGMPNVSNDLSQKLYATMEKHKEVFFVIRLIAGPAA
NSLPPIVDPDPLIPCDLMDGRDAFLTLARDKHLEFSSLRRAQWSTMCMLVELHTQSQD
;
_entity_poly.pdbx_strand_id   A
#
# COMPACT_ATOMS: atom_id res chain seq x y z
N LYS A 1 -12.25 20.27 19.95
CA LYS A 1 -12.87 19.76 18.75
C LYS A 1 -12.14 18.52 18.24
N PHE A 2 -12.91 17.58 17.69
CA PHE A 2 -12.37 16.33 17.21
C PHE A 2 -12.37 16.25 15.68
N SER A 3 -12.04 17.35 15.03
CA SER A 3 -12.07 17.40 13.57
C SER A 3 -10.90 16.66 12.94
N ALA A 4 -11.04 16.37 11.66
CA ALA A 4 -9.96 15.81 10.87
C ALA A 4 -8.72 16.72 10.88
N LYS A 5 -8.94 18.02 10.67
CA LYS A 5 -7.84 18.98 10.59
C LYS A 5 -7.04 19.04 11.90
N ARG A 6 -7.71 18.80 13.02
CA ARG A 6 -7.03 18.89 14.30
C ARG A 6 -6.29 17.60 14.66
N LEU A 7 -6.38 16.58 13.80
CA LEU A 7 -5.52 15.43 13.98
C LEU A 7 -4.05 15.90 13.88
N PRO A 8 -3.14 15.26 14.64
CA PRO A 8 -1.72 15.66 14.58
C PRO A 8 -1.17 15.51 13.16
N SER A 9 -0.48 16.54 12.71
CA SER A 9 0.02 16.57 11.35
C SER A 9 1.38 15.91 11.25
N THR A 10 1.76 15.59 10.02
CA THR A 10 3.07 15.03 9.72
C THR A 10 3.58 15.70 8.46
N ARG A 11 4.87 15.55 8.19
CA ARG A 11 5.41 16.01 6.92
C ARG A 11 4.70 15.32 5.75
N LEU A 12 4.53 13.99 5.86
CA LEU A 12 3.93 13.21 4.78
C LEU A 12 2.51 13.65 4.52
N GLY A 13 1.69 13.68 5.57
CA GLY A 13 0.31 14.10 5.44
C GLY A 13 0.22 15.50 4.86
N THR A 14 1.04 16.41 5.38
CA THR A 14 1.03 17.81 4.93
C THR A 14 1.38 17.91 3.45
N PHE A 15 2.38 17.14 3.06
CA PHE A 15 2.87 17.08 1.68
C PHE A 15 1.75 16.65 0.73
N LEU A 16 1.03 15.60 1.14
CA LEU A 16 -0.04 15.03 0.33
C LEU A 16 -1.22 15.99 0.21
N GLU A 17 -1.72 16.49 1.33
CA GLU A 17 -2.89 17.37 1.30
C GLU A 17 -2.59 18.66 0.53
N ASN A 18 -1.37 19.18 0.67
CA ASN A 18 -0.98 20.39 -0.07
C ASN A 18 -1.00 20.13 -1.57
N ARG A 19 -0.45 18.98 -1.99
CA ARG A 19 -0.51 18.60 -3.41
C ARG A 19 -1.96 18.52 -3.91
N VAL A 20 -2.83 17.86 -3.14
CA VAL A 20 -4.23 17.68 -3.52
C VAL A 20 -4.98 19.02 -3.57
N ASN A 21 -4.80 19.86 -2.55
CA ASN A 21 -5.49 21.14 -2.53
C ASN A 21 -4.98 22.14 -3.59
N ASP A 22 -3.68 22.09 -3.93
CA ASP A 22 -3.16 22.88 -5.06
C ASP A 22 -3.88 22.40 -6.32
N PHE A 23 -3.93 21.09 -6.51
CA PHE A 23 -4.64 20.51 -7.66
C PHE A 23 -6.10 20.98 -7.69
N LEU A 24 -6.79 20.95 -6.55
CA LEU A 24 -8.18 21.35 -6.52
C LEU A 24 -8.33 22.85 -6.82
N ARG A 25 -7.47 23.67 -6.23
CA ARG A 25 -7.50 25.10 -6.52
C ARG A 25 -7.36 25.34 -8.02
N ARG A 26 -6.43 24.63 -8.67
CA ARG A 26 -6.25 24.75 -10.11
C ARG A 26 -7.50 24.38 -10.89
N GLN A 27 -8.26 23.39 -10.41
CA GLN A 27 -9.47 22.98 -11.14
C GLN A 27 -10.56 24.03 -10.97
N ASN A 28 -10.53 24.71 -9.84
CA ASN A 28 -11.46 25.78 -9.54
C ASN A 28 -12.90 25.32 -9.66
N HIS A 29 -13.22 24.18 -9.08
CA HIS A 29 -14.58 23.67 -9.13
C HIS A 29 -15.37 24.16 -7.90
N PRO A 30 -16.57 24.72 -8.12
CA PRO A 30 -17.31 25.29 -6.99
C PRO A 30 -17.78 24.27 -5.93
N GLU A 31 -17.77 22.98 -6.24
CA GLU A 31 -18.32 22.00 -5.30
C GLU A 31 -17.23 21.34 -4.46
N SER A 32 -15.97 21.60 -4.80
CA SER A 32 -14.89 20.89 -4.10
C SER A 32 -14.69 21.47 -2.69
N GLY A 33 -14.25 20.64 -1.76
CA GLY A 33 -14.02 21.08 -0.40
C GLY A 33 -12.57 20.90 -0.04
N GLU A 34 -12.16 21.43 1.11
CA GLU A 34 -10.79 21.26 1.55
C GLU A 34 -10.47 19.81 1.95
N VAL A 35 -9.33 19.32 1.48
CA VAL A 35 -8.93 17.97 1.73
C VAL A 35 -7.86 17.97 2.80
N THR A 36 -8.00 17.03 3.73
CA THR A 36 -7.08 16.85 4.83
C THR A 36 -6.49 15.46 4.73
N VAL A 37 -5.17 15.35 4.82
CA VAL A 37 -4.54 14.03 4.85
C VAL A 37 -3.77 13.84 6.15
N ARG A 38 -4.00 12.71 6.80
CA ARG A 38 -3.38 12.44 8.09
C ARG A 38 -2.82 11.03 8.17
N VAL A 39 -1.55 10.95 8.56
CA VAL A 39 -0.97 9.69 9.01
C VAL A 39 -1.43 9.46 10.43
N VAL A 40 -2.08 8.33 10.67
CA VAL A 40 -2.72 8.14 11.96
C VAL A 40 -2.11 6.92 12.65
N HIS A 41 -1.17 6.28 11.98
CA HIS A 41 -0.40 5.19 12.59
C HIS A 41 0.96 5.08 11.93
N ALA A 42 1.99 4.94 12.75
CA ALA A 42 3.34 4.69 12.29
C ALA A 42 4.08 3.81 13.30
N SER A 43 4.47 2.60 12.89
CA SER A 43 5.19 1.72 13.81
C SER A 43 6.22 0.84 13.12
N ASP A 44 7.21 0.41 13.90
CA ASP A 44 8.27 -0.47 13.43
C ASP A 44 7.84 -1.92 13.53
N LYS A 45 8.00 -2.64 12.44
CA LYS A 45 7.66 -4.05 12.37
C LYS A 45 8.76 -4.85 11.65
N THR A 46 8.60 -6.15 11.60
CA THR A 46 9.49 -6.97 10.81
C THR A 46 8.66 -8.04 10.17
N VAL A 47 9.02 -8.39 8.95
CA VAL A 47 8.39 -9.52 8.28
C VAL A 47 9.39 -10.64 8.29
N GLU A 48 8.97 -11.83 8.72
CA GLU A 48 9.92 -12.93 8.80
C GLU A 48 9.65 -13.97 7.72
N VAL A 49 10.73 -14.52 7.19
CA VAL A 49 10.62 -15.45 6.09
C VAL A 49 9.93 -16.71 6.57
N LYS A 50 9.00 -17.21 5.78
CA LYS A 50 8.21 -18.37 6.20
C LYS A 50 9.07 -19.63 6.14
N PRO A 51 8.62 -20.72 6.78
CA PRO A 51 9.45 -21.92 7.01
C PRO A 51 10.23 -22.39 5.79
N GLY A 52 9.50 -22.71 4.70
CA GLY A 52 10.11 -23.17 3.47
C GLY A 52 11.32 -22.36 3.02
N MET A 53 11.17 -21.04 2.94
CA MET A 53 12.24 -20.19 2.44
C MET A 53 13.35 -20.05 3.48
N LYS A 54 12.99 -20.11 4.76
CA LYS A 54 13.98 -20.06 5.83
C LYS A 54 14.89 -21.28 5.73
N ALA A 55 14.28 -22.45 5.63
CA ALA A 55 15.01 -23.71 5.42
C ALA A 55 15.96 -23.60 4.23
N ARG A 56 15.45 -23.12 3.11
CA ARG A 56 16.23 -23.08 1.86
C ARG A 56 17.33 -22.01 1.84
N PHE A 57 17.00 -20.81 2.32
CA PHE A 57 17.92 -19.69 2.15
C PHE A 57 18.34 -19.05 3.46
N VAL A 58 17.50 -19.14 4.48
CA VAL A 58 17.82 -18.43 5.72
C VAL A 58 18.80 -19.26 6.54
N ASP A 59 18.50 -20.54 6.70
CA ASP A 59 19.39 -21.45 7.44
C ASP A 59 20.73 -21.60 6.71
N SER A 60 20.69 -21.48 5.38
CA SER A 60 21.89 -21.49 4.56
C SER A 60 22.74 -20.23 4.74
N GLY A 61 22.24 -19.26 5.50
CA GLY A 61 22.90 -17.99 5.65
C GLY A 61 22.81 -17.05 4.43
N GLU A 62 22.16 -17.50 3.36
CA GLU A 62 22.04 -16.72 2.12
C GLU A 62 21.04 -15.55 2.20
N MET A 63 20.10 -15.63 3.13
CA MET A 63 19.01 -14.67 3.19
C MET A 63 18.74 -14.28 4.63
N ALA A 64 18.45 -13.00 4.87
CA ALA A 64 18.09 -12.53 6.20
C ALA A 64 16.86 -13.29 6.69
N GLU A 65 16.78 -13.53 8.00
CA GLU A 65 15.65 -14.29 8.55
C GLU A 65 14.40 -13.44 8.60
N SER A 66 14.59 -12.12 8.61
CA SER A 66 13.49 -11.18 8.65
C SER A 66 13.93 -9.83 8.10
N PHE A 67 12.96 -8.97 7.78
CA PHE A 67 13.28 -7.64 7.26
C PHE A 67 12.53 -6.57 8.04
N PRO A 68 13.26 -5.53 8.46
CA PRO A 68 12.66 -4.47 9.27
C PRO A 68 11.93 -3.49 8.37
N TYR A 69 10.73 -3.08 8.76
CA TYR A 69 10.02 -2.03 8.01
C TYR A 69 9.12 -1.19 8.89
N ARG A 70 8.82 0.01 8.41
CA ARG A 70 7.87 0.85 9.07
C ARG A 70 6.54 0.73 8.32
N THR A 71 5.45 0.58 9.07
CA THR A 71 4.13 0.55 8.49
C THR A 71 3.47 1.89 8.80
N LYS A 72 2.70 2.40 7.83
CA LYS A 72 1.98 3.66 8.01
C LYS A 72 0.54 3.50 7.52
N ALA A 73 -0.39 4.04 8.28
CA ALA A 73 -1.78 4.13 7.86
C ALA A 73 -2.11 5.59 7.63
N LEU A 74 -2.64 5.93 6.46
CA LEU A 74 -3.03 7.31 6.23
C LEU A 74 -4.40 7.40 5.59
N PHE A 75 -5.10 8.48 5.93
CA PHE A 75 -6.47 8.69 5.47
C PHE A 75 -6.62 10.08 4.92
N ALA A 76 -7.46 10.19 3.91
CA ALA A 76 -7.82 11.47 3.33
C ALA A 76 -9.27 11.77 3.65
N PHE A 77 -9.51 13.00 4.04
CA PHE A 77 -10.82 13.53 4.41
C PHE A 77 -11.20 14.71 3.51
N GLU A 78 -12.48 14.88 3.26
CA GLU A 78 -12.95 16.07 2.57
C GLU A 78 -14.00 16.75 3.41
N GLU A 79 -13.85 18.07 3.57
CA GLU A 79 -14.85 18.86 4.24
C GLU A 79 -15.85 19.38 3.22
N ILE A 80 -17.12 19.08 3.43
CA ILE A 80 -18.17 19.74 2.66
C ILE A 80 -19.30 20.18 3.56
N ASP A 81 -19.69 21.44 3.43
CA ASP A 81 -20.72 22.01 4.28
C ASP A 81 -20.31 22.01 5.75
N GLY A 82 -19.01 22.18 6.01
CA GLY A 82 -18.47 22.18 7.36
C GLY A 82 -18.53 20.82 8.07
N VAL A 83 -18.52 19.74 7.29
CA VAL A 83 -18.68 18.40 7.81
C VAL A 83 -17.58 17.49 7.27
N ASP A 84 -16.92 16.73 8.15
CA ASP A 84 -15.83 15.86 7.72
C ASP A 84 -16.33 14.61 7.04
N LEU A 85 -15.69 14.24 5.93
CA LEU A 85 -15.93 12.93 5.34
C LEU A 85 -14.61 12.22 5.11
N CYS A 86 -14.46 11.00 5.63
CA CYS A 86 -13.29 10.16 5.32
C CYS A 86 -13.59 9.34 4.07
N PHE A 87 -12.79 9.48 3.01
CA PHE A 87 -13.16 8.91 1.72
C PHE A 87 -12.07 8.04 1.09
N PHE A 88 -10.89 8.06 1.67
CA PHE A 88 -9.76 7.30 1.16
C PHE A 88 -8.85 6.88 2.30
N GLY A 89 -8.39 5.64 2.26
CA GLY A 89 -7.43 5.14 3.22
C GLY A 89 -6.38 4.27 2.53
N MET A 90 -5.21 4.18 3.14
CA MET A 90 -4.12 3.40 2.58
C MET A 90 -3.13 2.99 3.68
N HIS A 91 -2.73 1.72 3.68
CA HIS A 91 -1.61 1.27 4.52
C HIS A 91 -0.43 0.97 3.63
N VAL A 92 0.75 1.42 4.04
CA VAL A 92 1.99 1.13 3.30
C VAL A 92 3.08 0.46 4.16
N GLN A 93 3.96 -0.29 3.50
CA GLN A 93 5.15 -0.82 4.17
C GLN A 93 6.42 -0.20 3.58
N GLU A 94 7.24 0.38 4.45
CA GLU A 94 8.44 1.10 4.02
C GLU A 94 9.74 0.48 4.57
N TYR A 95 10.58 0.02 3.65
CA TYR A 95 11.80 -0.69 3.98
C TYR A 95 12.98 0.24 3.73
N GLY A 96 13.64 0.66 4.81
CA GLY A 96 14.63 1.72 4.74
C GLY A 96 15.97 1.31 4.17
N SER A 97 16.94 2.23 4.26
CA SER A 97 18.27 1.98 3.72
C SER A 97 19.06 0.97 4.57
N ASP A 98 18.62 0.75 5.80
CA ASP A 98 19.22 -0.24 6.69
C ASP A 98 18.71 -1.64 6.42
N CYS A 99 17.64 -1.76 5.63
CA CYS A 99 17.05 -3.07 5.42
C CYS A 99 17.92 -3.92 4.52
N PRO A 100 18.08 -5.20 4.86
CA PRO A 100 18.88 -6.09 3.99
C PRO A 100 18.23 -6.26 2.63
N PRO A 101 19.04 -6.54 1.60
CA PRO A 101 18.48 -7.06 0.35
C PRO A 101 17.62 -8.28 0.60
N PRO A 102 16.63 -8.50 -0.24
CA PRO A 102 16.35 -7.69 -1.43
C PRO A 102 15.33 -6.55 -1.22
N ASN A 103 15.11 -6.13 0.03
CA ASN A 103 14.02 -5.21 0.33
C ASN A 103 14.41 -3.75 0.49
N GLN A 104 15.70 -3.46 0.49
CA GLN A 104 16.09 -2.11 0.91
C GLN A 104 15.62 -1.03 -0.04
N ARG A 105 15.29 0.13 0.52
CA ARG A 105 14.82 1.29 -0.23
C ARG A 105 13.59 0.97 -1.10
N ARG A 106 12.70 0.12 -0.59
CA ARG A 106 11.47 -0.20 -1.30
C ARG A 106 10.23 0.15 -0.47
N VAL A 107 9.20 0.64 -1.15
CA VAL A 107 7.91 0.78 -0.50
C VAL A 107 6.90 -0.13 -1.16
N TYR A 108 5.97 -0.61 -0.35
CA TYR A 108 4.92 -1.53 -0.77
C TYR A 108 3.57 -1.01 -0.28
N ILE A 109 2.61 -0.90 -1.19
CA ILE A 109 1.25 -0.56 -0.78
C ILE A 109 0.53 -1.81 -0.33
N SER A 110 0.30 -1.97 0.97
CA SER A 110 -0.39 -3.16 1.49
C SER A 110 -1.80 -3.22 0.90
N TYR A 111 -2.55 -2.12 1.08
CA TYR A 111 -3.90 -2.01 0.54
C TYR A 111 -4.33 -0.54 0.59
N LEU A 112 -5.29 -0.21 -0.25
CA LEU A 112 -5.91 1.09 -0.25
C LEU A 112 -7.39 0.83 -0.43
N ASP A 113 -8.23 1.79 -0.05
CA ASP A 113 -9.67 1.58 -0.07
C ASP A 113 -10.29 2.97 -0.16
N SER A 114 -11.52 3.05 -0.64
CA SER A 114 -12.24 4.31 -0.69
C SER A 114 -13.75 4.11 -0.60
N VAL A 115 -14.46 5.21 -0.32
CA VAL A 115 -15.90 5.23 -0.49
C VAL A 115 -16.27 6.46 -1.31
N HIS A 116 -17.13 6.25 -2.29
CA HIS A 116 -17.16 7.08 -3.47
C HIS A 116 -17.91 8.42 -3.30
N PHE A 117 -17.83 9.04 -2.13
CA PHE A 117 -18.61 10.26 -1.86
C PHE A 117 -17.86 11.60 -2.06
N PHE A 118 -16.69 11.56 -2.69
CA PHE A 118 -15.95 12.79 -2.93
C PHE A 118 -16.79 13.72 -3.80
N ARG A 119 -16.81 15.00 -3.43
CA ARG A 119 -17.50 16.03 -4.21
C ARG A 119 -16.52 17.08 -4.76
N PRO A 120 -16.59 17.35 -6.07
CA PRO A 120 -17.52 16.74 -7.02
C PRO A 120 -17.07 15.35 -7.46
N LYS A 121 -18.03 14.55 -7.90
CA LYS A 121 -17.80 13.25 -8.52
C LYS A 121 -16.73 13.25 -9.60
N CYS A 122 -16.77 14.26 -10.47
CA CYS A 122 -15.89 14.28 -11.64
C CYS A 122 -14.41 14.48 -11.28
N LEU A 123 -14.13 14.79 -10.02
CA LEU A 123 -12.75 14.96 -9.60
C LEU A 123 -12.24 13.83 -8.69
N ARG A 124 -13.13 12.90 -8.34
CA ARG A 124 -12.79 11.82 -7.40
C ARG A 124 -11.54 11.03 -7.81
N THR A 125 -11.55 10.45 -9.02
CA THR A 125 -10.44 9.62 -9.46
C THR A 125 -9.15 10.44 -9.54
N ALA A 126 -9.23 11.65 -10.07
CA ALA A 126 -8.05 12.48 -10.19
C ALA A 126 -7.43 12.70 -8.81
N VAL A 127 -8.25 12.89 -7.79
CA VAL A 127 -7.77 13.14 -6.44
C VAL A 127 -7.05 11.90 -5.86
N TYR A 128 -7.65 10.71 -6.04
CA TYR A 128 -6.98 9.47 -5.63
C TYR A 128 -5.59 9.40 -6.27
N HIS A 129 -5.53 9.67 -7.57
CA HIS A 129 -4.26 9.60 -8.29
C HIS A 129 -3.26 10.65 -7.77
N GLU A 130 -3.74 11.84 -7.41
CA GLU A 130 -2.86 12.86 -6.83
C GLU A 130 -2.27 12.44 -5.48
N ILE A 131 -3.06 11.74 -4.68
CA ILE A 131 -2.58 11.17 -3.41
C ILE A 131 -1.47 10.16 -3.67
N LEU A 132 -1.71 9.23 -4.60
CA LEU A 132 -0.74 8.19 -4.91
C LEU A 132 0.55 8.77 -5.55
N ILE A 133 0.39 9.64 -6.54
CA ILE A 133 1.55 10.28 -7.15
C ILE A 133 2.35 11.07 -6.11
N GLY A 134 1.67 11.82 -5.25
CA GLY A 134 2.36 12.56 -4.19
C GLY A 134 3.11 11.63 -3.25
N TYR A 135 2.52 10.48 -2.95
CA TYR A 135 3.16 9.51 -2.08
C TYR A 135 4.47 9.02 -2.71
N LEU A 136 4.42 8.67 -3.98
CA LEU A 136 5.60 8.22 -4.70
C LEU A 136 6.62 9.37 -4.78
N GLU A 137 6.12 10.57 -4.99
CA GLU A 137 6.95 11.78 -5.05
C GLU A 137 7.71 11.96 -3.74
N TYR A 138 6.99 11.83 -2.65
CA TYR A 138 7.54 12.00 -1.32
C TYR A 138 8.60 10.95 -0.96
N VAL A 139 8.28 9.66 -1.14
CA VAL A 139 9.25 8.63 -0.75
C VAL A 139 10.45 8.67 -1.68
N LYS A 140 10.25 9.12 -2.92
CA LYS A 140 11.36 9.27 -3.84
C LYS A 140 12.32 10.34 -3.29
N LYS A 141 11.76 11.45 -2.84
CA LYS A 141 12.54 12.51 -2.20
C LYS A 141 13.32 12.01 -1.01
N LEU A 142 12.69 11.19 -0.15
CA LEU A 142 13.38 10.62 1.01
C LEU A 142 14.50 9.66 0.61
N GLY A 143 14.41 9.10 -0.59
CA GLY A 143 15.45 8.19 -1.04
C GLY A 143 15.07 6.74 -1.27
N TYR A 144 13.78 6.42 -1.23
CA TYR A 144 13.35 5.07 -1.64
C TYR A 144 13.42 4.98 -3.16
N THR A 145 13.82 3.82 -3.68
CA THR A 145 14.13 3.68 -5.11
C THR A 145 13.00 3.05 -5.89
N THR A 146 12.19 2.25 -5.21
CA THR A 146 11.22 1.41 -5.88
C THR A 146 9.89 1.30 -5.13
N GLY A 147 8.80 1.32 -5.88
CA GLY A 147 7.48 1.16 -5.31
C GLY A 147 6.90 -0.14 -5.80
N HIS A 148 6.06 -0.76 -4.98
CA HIS A 148 5.51 -2.05 -5.34
C HIS A 148 4.02 -2.08 -5.09
N ILE A 149 3.27 -2.52 -6.09
CA ILE A 149 1.81 -2.59 -6.00
C ILE A 149 1.27 -3.93 -6.48
N TRP A 150 0.40 -4.51 -5.67
CA TRP A 150 -0.34 -5.70 -6.03
C TRP A 150 -1.79 -5.30 -6.32
N ALA A 151 -2.14 -5.24 -7.60
CA ALA A 151 -3.47 -4.75 -8.02
C ALA A 151 -4.50 -5.83 -7.81
N CYS A 152 -5.08 -5.88 -6.62
CA CYS A 152 -6.05 -6.92 -6.32
C CYS A 152 -7.32 -6.38 -5.70
N PRO A 153 -8.42 -6.36 -6.47
CA PRO A 153 -9.69 -5.87 -5.91
C PRO A 153 -10.23 -6.86 -4.88
N PRO A 154 -11.02 -6.37 -3.92
CA PRO A 154 -11.56 -7.23 -2.87
C PRO A 154 -12.56 -8.21 -3.46
N SER A 155 -12.72 -9.35 -2.80
CA SER A 155 -13.73 -10.33 -3.21
C SER A 155 -15.10 -9.82 -2.82
N GLU A 156 -16.13 -10.37 -3.48
CA GLU A 156 -17.53 -10.08 -3.16
C GLU A 156 -17.75 -9.94 -1.66
N GLY A 157 -18.24 -8.79 -1.24
CA GLY A 157 -18.63 -8.58 0.14
C GLY A 157 -17.52 -8.24 1.11
N ASP A 158 -16.27 -8.40 0.69
CA ASP A 158 -15.13 -8.02 1.53
C ASP A 158 -14.85 -6.52 1.49
N ASP A 159 -14.50 -5.96 2.64
CA ASP A 159 -14.06 -4.58 2.75
C ASP A 159 -12.58 -4.55 3.10
N TYR A 160 -11.77 -3.78 2.36
CA TYR A 160 -10.36 -3.71 2.74
C TYR A 160 -10.17 -2.89 4.00
N ILE A 161 -10.78 -1.73 4.06
CA ILE A 161 -10.49 -0.81 5.15
C ILE A 161 -11.77 -0.25 5.75
N PHE A 162 -12.71 0.14 4.90
CA PHE A 162 -13.97 0.75 5.35
C PHE A 162 -15.08 -0.27 5.42
N HIS A 163 -15.61 -0.49 6.60
CA HIS A 163 -16.71 -1.41 6.81
C HIS A 163 -18.01 -0.96 6.12
N CYS A 164 -18.55 -1.86 5.29
CA CYS A 164 -19.85 -1.68 4.64
CA CYS A 164 -19.85 -1.67 4.66
C CYS A 164 -19.87 -0.54 3.61
N HIS A 165 -19.34 -0.85 2.44
CA HIS A 165 -19.29 0.08 1.32
C HIS A 165 -20.69 0.36 0.83
N PRO A 166 -20.88 1.47 0.11
CA PRO A 166 -22.18 1.70 -0.54
C PRO A 166 -22.53 0.52 -1.44
N PRO A 167 -23.78 0.05 -1.35
CA PRO A 167 -24.23 -1.06 -2.20
C PRO A 167 -24.08 -0.77 -3.69
N ASP A 168 -24.18 0.50 -4.11
CA ASP A 168 -24.01 0.82 -5.53
C ASP A 168 -22.59 1.30 -5.89
N GLN A 169 -21.62 1.16 -4.99
CA GLN A 169 -20.24 1.44 -5.39
C GLN A 169 -19.68 0.21 -6.08
N LYS A 170 -19.56 0.26 -7.40
CA LYS A 170 -19.07 -0.90 -8.14
C LYS A 170 -17.62 -1.18 -7.77
N ILE A 171 -17.26 -2.46 -7.80
CA ILE A 171 -15.90 -2.89 -7.54
C ILE A 171 -15.21 -3.19 -8.86
N PRO A 172 -14.07 -2.54 -9.13
CA PRO A 172 -13.47 -2.78 -10.45
C PRO A 172 -13.00 -4.23 -10.58
N LYS A 173 -13.06 -4.78 -11.79
CA LYS A 173 -12.45 -6.05 -12.11
C LYS A 173 -10.97 -5.81 -12.26
N PRO A 174 -10.16 -6.87 -12.15
CA PRO A 174 -8.70 -6.79 -12.29
C PRO A 174 -8.23 -5.89 -13.44
N LYS A 175 -8.72 -6.13 -14.65
CA LYS A 175 -8.29 -5.33 -15.78
C LYS A 175 -8.56 -3.81 -15.60
N ARG A 176 -9.71 -3.46 -15.05
CA ARG A 176 -10.03 -2.06 -14.83
C ARG A 176 -9.11 -1.45 -13.77
N LEU A 177 -8.86 -2.18 -12.68
CA LEU A 177 -7.97 -1.71 -11.61
C LEU A 177 -6.54 -1.54 -12.15
N GLN A 178 -6.14 -2.48 -13.00
CA GLN A 178 -4.83 -2.45 -13.64
C GLN A 178 -4.65 -1.20 -14.50
N GLU A 179 -5.64 -0.90 -15.32
CA GLU A 179 -5.65 0.29 -16.16
C GLU A 179 -5.65 1.57 -15.34
N TRP A 180 -6.35 1.53 -14.20
CA TRP A 180 -6.39 2.62 -13.23
C TRP A 180 -5.00 2.95 -12.67
N PHE A 181 -4.28 1.95 -12.17
CA PHE A 181 -2.92 2.16 -11.70
C PHE A 181 -2.00 2.66 -12.84
N LYS A 182 -2.19 2.13 -14.05
CA LYS A 182 -1.38 2.57 -15.19
C LYS A 182 -1.58 4.06 -15.52
N LYS A 183 -2.83 4.49 -15.50
CA LYS A 183 -3.12 5.90 -15.74
C LYS A 183 -2.45 6.77 -14.66
N MET A 184 -2.48 6.30 -13.41
CA MET A 184 -1.84 7.03 -12.32
C MET A 184 -0.32 7.11 -12.57
N LEU A 185 0.27 5.96 -12.88
CA LEU A 185 1.70 5.86 -13.05
C LEU A 185 2.17 6.61 -14.27
N ASP A 186 1.37 6.59 -15.36
CA ASP A 186 1.72 7.33 -16.57
C ASP A 186 1.78 8.84 -16.29
N LYS A 187 0.91 9.33 -15.41
CA LYS A 187 0.95 10.74 -15.01
C LYS A 187 2.22 11.01 -14.24
N ALA A 188 2.56 10.09 -13.33
CA ALA A 188 3.77 10.21 -12.53
C ALA A 188 5.00 10.13 -13.40
N VAL A 189 4.91 9.35 -14.48
CA VAL A 189 6.03 9.29 -15.43
C VAL A 189 6.20 10.64 -16.15
N SER A 190 5.11 11.22 -16.62
CA SER A 190 5.20 12.48 -17.35
C SER A 190 5.67 13.63 -16.45
N GLU A 191 5.49 13.50 -15.14
CA GLU A 191 5.95 14.49 -14.18
C GLU A 191 7.39 14.26 -13.72
N ARG A 192 8.02 13.24 -14.30
CA ARG A 192 9.38 12.81 -13.98
C ARG A 192 9.50 12.41 -12.50
N ILE A 193 8.38 11.99 -11.93
CA ILE A 193 8.42 11.36 -10.61
C ILE A 193 8.81 9.90 -10.76
N VAL A 194 8.05 9.16 -11.58
CA VAL A 194 8.40 7.79 -11.86
C VAL A 194 9.34 7.72 -13.09
N HIS A 195 10.46 7.01 -12.95
CA HIS A 195 11.38 6.81 -14.07
C HIS A 195 10.70 5.93 -15.11
N ASP A 196 10.30 4.73 -14.69
CA ASP A 196 9.47 3.85 -15.52
C ASP A 196 8.87 2.78 -14.61
N TYR A 197 8.08 1.88 -15.19
CA TYR A 197 7.51 0.79 -14.42
C TYR A 197 7.26 -0.42 -15.30
N LYS A 198 7.18 -1.61 -14.69
CA LYS A 198 7.10 -2.87 -15.42
C LYS A 198 6.30 -3.90 -14.63
N ASP A 199 5.72 -4.88 -15.31
CA ASP A 199 5.09 -5.96 -14.59
C ASP A 199 6.22 -6.77 -13.92
N ILE A 200 5.86 -7.59 -12.94
CA ILE A 200 6.86 -8.28 -12.11
C ILE A 200 7.72 -9.23 -12.96
N PHE A 201 7.12 -9.81 -13.99
CA PHE A 201 7.81 -10.77 -14.83
C PHE A 201 8.89 -10.08 -15.63
N LYS A 202 8.52 -9.02 -16.34
CA LYS A 202 9.48 -8.29 -17.16
C LYS A 202 10.59 -7.71 -16.31
N GLN A 203 10.26 -7.33 -15.09
CA GLN A 203 11.24 -6.72 -14.20
C GLN A 203 12.27 -7.75 -13.76
N ALA A 204 11.78 -8.94 -13.38
CA ALA A 204 12.66 -10.00 -12.92
C ALA A 204 13.65 -10.35 -14.02
N THR A 205 13.11 -10.59 -15.21
CA THR A 205 13.91 -10.87 -16.40
C THR A 205 14.99 -9.82 -16.66
N GLU A 206 14.61 -8.54 -16.69
CA GLU A 206 15.58 -7.51 -16.96
C GLU A 206 16.64 -7.43 -15.86
N ASP A 207 16.22 -7.65 -14.62
CA ASP A 207 17.12 -7.70 -13.48
C ASP A 207 17.96 -8.98 -13.45
N ARG A 208 17.74 -9.87 -14.42
CA ARG A 208 18.46 -11.14 -14.48
C ARG A 208 18.35 -11.93 -13.18
N LEU A 209 17.14 -11.99 -12.63
CA LEU A 209 16.92 -12.71 -11.39
C LEU A 209 17.08 -14.22 -11.62
N THR A 210 17.80 -14.86 -10.71
CA THR A 210 18.09 -16.30 -10.81
C THR A 210 17.61 -17.05 -9.57
N SER A 211 17.38 -16.33 -8.47
CA SER A 211 16.99 -16.96 -7.22
C SER A 211 15.82 -16.29 -6.49
N ALA A 212 14.90 -17.13 -6.00
CA ALA A 212 13.78 -16.69 -5.16
C ALA A 212 14.23 -15.72 -4.08
N LYS A 213 15.43 -15.91 -3.56
CA LYS A 213 15.93 -15.05 -2.48
C LYS A 213 16.14 -13.62 -2.95
N GLU A 214 16.10 -13.42 -4.26
CA GLU A 214 16.27 -12.09 -4.83
C GLU A 214 14.97 -11.29 -4.92
N LEU A 215 13.83 -11.99 -4.86
CA LEU A 215 12.53 -11.34 -4.94
C LEU A 215 12.19 -10.55 -3.66
N PRO A 216 11.80 -9.29 -3.80
CA PRO A 216 11.32 -8.56 -2.62
C PRO A 216 10.24 -9.34 -1.86
N TYR A 217 10.34 -9.31 -0.54
CA TYR A 217 9.59 -10.20 0.33
C TYR A 217 8.78 -9.39 1.34
N PHE A 218 7.50 -9.12 1.05
CA PHE A 218 6.71 -8.18 1.90
C PHE A 218 5.65 -8.87 2.75
N GLU A 219 5.34 -8.27 3.88
CA GLU A 219 4.32 -8.79 4.78
C GLU A 219 2.95 -8.90 4.12
N GLY A 220 2.39 -10.10 4.10
CA GLY A 220 1.04 -10.31 3.58
C GLY A 220 0.94 -10.32 2.07
N ASP A 221 2.06 -10.25 1.39
CA ASP A 221 2.03 -10.19 -0.08
C ASP A 221 1.83 -11.56 -0.67
N PHE A 222 1.44 -11.57 -1.93
CA PHE A 222 1.25 -12.76 -2.75
C PHE A 222 2.48 -13.66 -2.83
N TRP A 223 3.66 -13.08 -2.92
CA TRP A 223 4.80 -13.87 -3.34
C TRP A 223 5.39 -14.74 -2.22
N PRO A 224 5.43 -14.25 -0.98
CA PRO A 224 5.88 -15.18 0.06
C PRO A 224 5.04 -16.45 0.18
N ASN A 225 3.74 -16.35 -0.06
CA ASN A 225 2.88 -17.52 0.02
C ASN A 225 2.92 -18.41 -1.22
N VAL A 226 3.15 -17.84 -2.39
CA VAL A 226 3.31 -18.70 -3.56
C VAL A 226 4.64 -19.44 -3.48
N LEU A 227 5.66 -18.80 -2.90
CA LEU A 227 6.96 -19.42 -2.71
C LEU A 227 6.85 -20.63 -1.75
N GLU A 228 6.12 -20.46 -0.65
CA GLU A 228 5.87 -21.57 0.27
C GLU A 228 5.14 -22.70 -0.44
N GLU A 229 4.14 -22.36 -1.24
CA GLU A 229 3.39 -23.35 -2.00
C GLU A 229 4.27 -24.01 -3.07
N SER A 230 5.15 -23.23 -3.67
CA SER A 230 6.06 -23.76 -4.68
C SER A 230 7.03 -24.76 -4.07
N ILE A 231 7.54 -24.43 -2.90
CA ILE A 231 8.49 -25.27 -2.20
C ILE A 231 7.83 -26.59 -1.78
N LYS A 232 6.61 -26.54 -1.28
CA LYS A 232 5.90 -27.76 -0.93
C LYS A 232 5.63 -28.60 -2.17
N GLU A 233 5.47 -27.94 -3.31
CA GLU A 233 5.33 -28.62 -4.59
C GLU A 233 6.60 -29.40 -4.93
N LEU A 234 7.75 -28.77 -4.73
CA LEU A 234 9.03 -29.43 -4.92
C LEU A 234 9.17 -30.63 -3.98
N GLU A 235 8.84 -30.43 -2.71
CA GLU A 235 8.91 -31.50 -1.72
C GLU A 235 8.07 -32.71 -2.12
N GLN A 236 6.87 -32.47 -2.65
CA GLN A 236 5.99 -33.56 -3.04
C GLN A 236 6.47 -34.25 -4.31
N GLU A 237 7.11 -33.48 -5.19
CA GLU A 237 7.74 -34.03 -6.40
C GLU A 237 8.94 -34.91 -6.03
N GLU A 238 9.74 -34.42 -5.07
CA GLU A 238 10.87 -35.14 -4.54
C GLU A 238 10.40 -36.47 -3.95
N GLU A 239 9.24 -36.45 -3.30
CA GLU A 239 8.65 -37.65 -2.74
C GLU A 239 8.17 -38.62 -3.82
N GLU A 240 7.68 -38.07 -4.94
CA GLU A 240 7.29 -38.91 -6.08
C GLU A 240 8.50 -39.67 -6.63
N ARG A 241 9.63 -38.98 -6.68
CA ARG A 241 10.86 -39.58 -7.17
C ARG A 241 11.41 -40.61 -6.19
N LYS A 242 11.23 -40.34 -4.89
CA LYS A 242 11.55 -41.28 -3.84
C LYS A 242 10.82 -42.59 -4.08
N ARG A 243 9.50 -42.50 -4.25
CA ARG A 243 8.69 -43.68 -4.45
C ARG A 243 9.19 -44.49 -5.64
N GLU A 244 9.59 -43.78 -6.69
CA GLU A 244 10.03 -44.41 -7.94
C GLU A 244 11.30 -45.24 -7.74
N GLU A 245 12.16 -44.77 -6.86
CA GLU A 245 13.35 -45.49 -6.49
C GLU A 245 13.02 -46.51 -5.40
N ASN A 246 11.78 -46.41 -4.90
CA ASN A 246 11.29 -47.18 -3.76
C ASN A 246 11.83 -46.61 -2.45
N ASP A 293 12.81 -26.97 -10.17
CA ASP A 293 13.57 -25.79 -9.77
C ASP A 293 12.64 -24.72 -9.18
N LEU A 294 13.08 -24.12 -8.07
CA LEU A 294 12.30 -23.07 -7.43
C LEU A 294 12.15 -21.89 -8.38
N SER A 295 13.28 -21.46 -8.93
CA SER A 295 13.36 -20.34 -9.83
C SER A 295 12.45 -20.47 -11.05
N GLN A 296 12.35 -21.67 -11.59
CA GLN A 296 11.52 -21.86 -12.77
C GLN A 296 10.05 -21.93 -12.40
N LYS A 297 9.74 -22.43 -11.21
CA LYS A 297 8.37 -22.35 -10.71
C LYS A 297 7.93 -20.89 -10.53
N LEU A 298 8.82 -20.09 -9.95
CA LEU A 298 8.58 -18.68 -9.68
C LEU A 298 8.41 -17.87 -10.96
N TYR A 299 9.34 -18.03 -11.91
CA TYR A 299 9.25 -17.37 -13.21
C TYR A 299 7.94 -17.73 -13.91
N ALA A 300 7.53 -18.98 -13.75
CA ALA A 300 6.30 -19.44 -14.37
C ALA A 300 5.08 -18.78 -13.74
N THR A 301 5.09 -18.64 -12.42
CA THR A 301 3.98 -18.01 -11.72
C THR A 301 3.98 -16.51 -12.00
N MET A 302 5.18 -15.92 -12.03
CA MET A 302 5.34 -14.50 -12.31
C MET A 302 4.78 -14.15 -13.67
N GLU A 303 5.06 -14.96 -14.68
CA GLU A 303 4.58 -14.66 -16.02
C GLU A 303 3.06 -14.77 -16.04
N LYS A 304 2.54 -15.81 -15.39
CA LYS A 304 1.12 -16.07 -15.40
C LYS A 304 0.28 -14.89 -14.86
N HIS A 305 0.71 -14.33 -13.74
CA HIS A 305 -0.03 -13.26 -13.08
C HIS A 305 0.69 -11.91 -13.21
N LYS A 306 1.41 -11.70 -14.30
CA LYS A 306 2.29 -10.54 -14.35
C LYS A 306 1.54 -9.20 -14.33
N GLU A 307 0.33 -9.19 -14.90
CA GLU A 307 -0.40 -7.94 -15.10
C GLU A 307 -1.00 -7.36 -13.81
N VAL A 308 -0.92 -8.14 -12.73
CA VAL A 308 -1.48 -7.79 -11.44
C VAL A 308 -0.43 -7.10 -10.55
N PHE A 309 0.83 -7.25 -10.92
CA PHE A 309 1.94 -6.81 -10.07
C PHE A 309 2.79 -5.77 -10.77
N PHE A 310 2.90 -4.60 -10.15
CA PHE A 310 3.66 -3.49 -10.72
C PHE A 310 4.93 -3.28 -9.93
N VAL A 311 6.04 -3.10 -10.64
CA VAL A 311 7.29 -2.68 -10.05
C VAL A 311 7.60 -1.28 -10.57
N ILE A 312 7.72 -0.34 -9.66
CA ILE A 312 7.75 1.08 -10.02
C ILE A 312 9.11 1.67 -9.67
N ARG A 313 9.89 2.01 -10.68
CA ARG A 313 11.23 2.55 -10.49
C ARG A 313 11.21 4.07 -10.27
N LEU A 314 11.52 4.51 -9.05
CA LEU A 314 11.50 5.94 -8.72
C LEU A 314 12.85 6.54 -9.04
N ILE A 315 13.89 5.80 -8.69
CA ILE A 315 15.26 6.19 -8.91
C ILE A 315 15.97 5.01 -9.54
N ALA A 316 16.40 5.15 -10.79
CA ALA A 316 17.13 4.07 -11.45
C ALA A 316 18.53 4.50 -11.85
N GLY A 317 19.34 3.53 -12.23
CA GLY A 317 20.69 3.81 -12.71
C GLY A 317 21.66 4.05 -11.58
N PRO A 318 22.59 4.99 -11.79
CA PRO A 318 23.68 5.28 -10.85
C PRO A 318 23.19 6.02 -9.62
N ALA A 319 22.38 7.05 -9.84
CA ALA A 319 21.86 7.90 -8.77
C ALA A 319 21.24 7.09 -7.64
N ALA A 320 20.91 5.83 -7.94
CA ALA A 320 20.28 4.94 -6.98
C ALA A 320 21.32 4.18 -6.16
N ASN A 321 22.59 4.58 -6.28
CA ASN A 321 23.67 3.81 -5.69
C ASN A 321 24.55 4.60 -4.73
N SER A 322 24.52 5.92 -4.84
CA SER A 322 25.29 6.75 -3.92
C SER A 322 24.39 7.66 -3.11
N LEU A 323 23.38 7.07 -2.48
CA LEU A 323 22.39 7.84 -1.73
C LEU A 323 22.67 7.81 -0.24
N PRO A 324 22.43 8.93 0.43
CA PRO A 324 22.59 8.97 1.88
C PRO A 324 21.62 8.02 2.55
N PRO A 325 21.81 7.77 3.85
CA PRO A 325 20.80 6.95 4.53
C PRO A 325 19.44 7.62 4.41
N ILE A 326 18.37 6.82 4.36
CA ILE A 326 17.03 7.36 4.43
C ILE A 326 16.77 7.89 5.83
N VAL A 327 16.43 9.17 5.93
CA VAL A 327 16.07 9.74 7.21
C VAL A 327 14.62 10.25 7.18
N ASP A 328 13.76 9.59 7.95
CA ASP A 328 12.35 9.94 8.02
C ASP A 328 12.11 10.96 9.13
N PRO A 329 11.78 12.21 8.77
CA PRO A 329 11.58 13.25 9.78
C PRO A 329 10.33 13.06 10.67
N ASP A 330 9.42 12.16 10.30
CA ASP A 330 8.21 12.00 11.08
C ASP A 330 8.41 10.99 12.21
N PRO A 331 7.86 11.30 13.40
CA PRO A 331 7.95 10.39 14.53
C PRO A 331 7.05 9.17 14.37
N LEU A 332 7.36 8.12 15.12
CA LEU A 332 6.43 7.01 15.22
C LEU A 332 5.10 7.49 15.78
N ILE A 333 4.03 6.85 15.37
CA ILE A 333 2.71 7.24 15.86
C ILE A 333 1.99 5.98 16.28
N PRO A 334 2.09 5.66 17.58
CA PRO A 334 1.40 4.46 18.08
C PRO A 334 -0.10 4.71 18.05
N CYS A 335 -0.84 3.71 17.60
CA CYS A 335 -2.27 3.82 17.51
C CYS A 335 -2.76 2.42 17.22
N ASP A 336 -3.20 1.74 18.27
CA ASP A 336 -3.60 0.34 18.16
C ASP A 336 -4.72 0.17 17.15
N LEU A 337 -5.63 1.14 17.10
CA LEU A 337 -6.78 1.06 16.22
C LEU A 337 -6.37 0.93 14.75
N MET A 338 -5.22 1.49 14.40
CA MET A 338 -4.80 1.57 13.00
C MET A 338 -3.56 0.76 12.65
N ASP A 339 -3.24 -0.22 13.48
CA ASP A 339 -2.13 -1.14 13.23
C ASP A 339 -2.61 -2.26 12.30
N GLY A 340 -2.41 -2.09 11.00
CA GLY A 340 -3.07 -2.95 10.04
C GLY A 340 -4.55 -2.63 10.03
N ARG A 341 -5.32 -3.38 9.26
CA ARG A 341 -6.69 -2.99 8.96
C ARG A 341 -7.79 -3.63 9.83
N ASP A 342 -7.47 -4.69 10.55
CA ASP A 342 -8.51 -5.46 11.25
C ASP A 342 -9.15 -4.70 12.41
N ALA A 343 -8.34 -3.97 13.17
CA ALA A 343 -8.88 -3.25 14.32
C ALA A 343 -10.04 -2.31 13.94
N PHE A 344 -9.82 -1.49 12.91
CA PHE A 344 -10.81 -0.49 12.51
C PHE A 344 -12.06 -1.15 11.93
N LEU A 345 -11.87 -2.19 11.11
CA LEU A 345 -13.00 -2.99 10.66
C LEU A 345 -13.75 -3.56 11.85
N THR A 346 -13.01 -3.94 12.88
CA THR A 346 -13.61 -4.56 14.06
C THR A 346 -14.36 -3.52 14.89
N LEU A 347 -13.71 -2.38 15.11
CA LEU A 347 -14.37 -1.25 15.75
C LEU A 347 -15.66 -0.86 15.00
N ALA A 348 -15.57 -0.82 13.68
CA ALA A 348 -16.71 -0.42 12.85
C ALA A 348 -17.89 -1.40 13.02
N ARG A 349 -17.58 -2.69 12.89
CA ARG A 349 -18.58 -3.73 13.08
C ARG A 349 -19.21 -3.65 14.47
N ASP A 350 -18.35 -3.52 15.48
CA ASP A 350 -18.81 -3.50 16.87
C ASP A 350 -19.71 -2.31 17.17
N LYS A 351 -19.46 -1.19 16.52
CA LYS A 351 -20.19 0.03 16.82
C LYS A 351 -21.15 0.40 15.70
N HIS A 352 -21.28 -0.50 14.74
CA HIS A 352 -22.21 -0.33 13.62
C HIS A 352 -21.93 0.94 12.82
N LEU A 353 -20.65 1.20 12.56
CA LEU A 353 -20.21 2.34 11.76
C LEU A 353 -20.14 1.97 10.29
N GLU A 354 -21.20 2.24 9.54
CA GLU A 354 -21.17 1.96 8.10
C GLU A 354 -20.65 3.15 7.28
N PHE A 355 -20.11 2.83 6.10
CA PHE A 355 -19.75 3.84 5.13
C PHE A 355 -20.58 3.65 3.88
N SER A 356 -21.87 3.37 4.09
CA SER A 356 -22.75 2.88 3.03
C SER A 356 -23.61 3.96 2.38
N SER A 357 -23.61 5.16 2.93
CA SER A 357 -24.26 6.31 2.31
C SER A 357 -23.43 7.53 2.69
N LEU A 358 -23.68 8.68 2.05
CA LEU A 358 -22.89 9.86 2.38
C LEU A 358 -23.07 10.21 3.85
N ARG A 359 -24.32 10.13 4.31
CA ARG A 359 -24.60 10.55 5.67
C ARG A 359 -24.09 9.53 6.70
N ARG A 360 -24.26 8.24 6.41
CA ARG A 360 -23.69 7.21 7.29
C ARG A 360 -22.18 7.35 7.35
N ALA A 361 -21.53 7.56 6.19
CA ALA A 361 -20.08 7.72 6.13
C ALA A 361 -19.59 8.90 6.97
N GLN A 362 -20.33 10.00 6.96
CA GLN A 362 -19.96 11.17 7.76
C GLN A 362 -20.10 10.89 9.25
N TRP A 363 -21.18 10.23 9.65
CA TRP A 363 -21.37 9.90 11.06
CA TRP A 363 -21.37 9.91 11.06
C TRP A 363 -20.27 8.94 11.50
N SER A 364 -20.01 7.92 10.69
CA SER A 364 -18.92 6.99 10.95
C SER A 364 -17.60 7.74 11.04
N THR A 365 -17.42 8.72 10.15
CA THR A 365 -16.18 9.52 10.14
C THR A 365 -15.99 10.24 11.46
N MET A 366 -17.07 10.82 11.97
CA MET A 366 -17.02 11.49 13.27
C MET A 366 -16.59 10.52 14.38
N CYS A 367 -17.16 9.32 14.39
CA CYS A 367 -16.84 8.32 15.43
C CYS A 367 -15.38 7.90 15.35
N MET A 368 -14.93 7.59 14.14
CA MET A 368 -13.54 7.27 13.88
C MET A 368 -12.61 8.35 14.43
N LEU A 369 -12.95 9.61 14.13
CA LEU A 369 -12.14 10.75 14.57
C LEU A 369 -12.14 10.88 16.08
N VAL A 370 -13.30 10.66 16.71
CA VAL A 370 -13.34 10.75 18.15
C VAL A 370 -12.44 9.65 18.73
N GLU A 371 -12.59 8.44 18.22
CA GLU A 371 -11.73 7.34 18.65
C GLU A 371 -10.24 7.69 18.49
N LEU A 372 -9.87 8.20 17.31
CA LEU A 372 -8.47 8.53 17.03
C LEU A 372 -7.96 9.62 17.96
N HIS A 373 -8.84 10.56 18.30
CA HIS A 373 -8.44 11.65 19.17
C HIS A 373 -8.26 11.18 20.61
N THR A 374 -9.26 10.48 21.14
CA THR A 374 -9.19 9.99 22.52
C THR A 374 -8.10 8.93 22.73
N GLN A 375 -8.02 7.96 21.81
CA GLN A 375 -6.96 6.95 21.90
C GLN A 375 -5.58 7.59 21.94
N SER A 376 -5.45 8.78 21.36
CA SER A 376 -4.19 9.52 21.41
C SER A 376 -4.01 10.17 22.77
N GLN A 377 -5.09 10.75 23.29
CA GLN A 377 -5.05 11.47 24.57
C GLN A 377 -4.73 10.55 25.76
N ASP A 378 -3.98 11.10 26.71
CA ASP A 378 -3.54 10.35 27.89
C ASP A 378 -4.19 10.90 29.16
#